data_6QJZ
#
_entry.id   6QJZ
#
_cell.length_a   62.000
_cell.length_b   74.260
_cell.length_c   101.680
_cell.angle_alpha   90.00
_cell.angle_beta   90.00
_cell.angle_gamma   90.00
#
_symmetry.space_group_name_H-M   'P 2 21 21'
#
loop_
_entity.id
_entity.type
_entity.pdbx_description
1 polymer 'oxalyl CoA-synthetase'
2 non-polymer 'ADENOSINE MONOPHOSPHATE'
3 water water
#
_entity_poly.entity_id   1
_entity_poly.type   'polypeptide(L)'
_entity_poly.pdbx_seq_one_letter_code
;METATTLTGLLQSVAKTFPSRRGISLAGKFDLTHSHLNELVESAADHLISAGIKPNDVVALTFPNTVEYVILFLAVIRVR
ATAAPLNAAYTAEEFEFYLSDSESKLLLTPLEGNKPAQDAASKLSIPLGSASLTKSEEETKLTISLKHPESGLKSDSVNS
VAKLINEPSDVALFLHTSGTTSRPKGVPLTQHNLVSSVKNIQSVYQLTESDSTVIVLPLFHVHGLIAGLLSSLGSGAAVV
LPAAGRFSASTFWKDMIQYNATWYTAVPTIHQIILDRHLNNPEPAYPKLRFIRSCSASLAPVILGRLEESFGAPVLEAYA
MTEASHLMSSNPLPQNGPHKAGSVGKPVGQEMAILDESGRVLEAGVNGEVCIRGENVTKGYKNNEAANTAAFLFGWFHTG
DIGYFDSDGYLHLVGRIKELINRGGEKISPIEVDAVLLSHPDVAQAVAFGIPDQKYGEEIHCAIIPREGSNIDAEEVLTF
CKKNLASFKVPKKVFITDSLPKTATGKILRRLVAEHFVSKV
;
_entity_poly.pdbx_strand_id   A
#
loop_
_chem_comp.id
_chem_comp.type
_chem_comp.name
_chem_comp.formula
AMP non-polymer 'ADENOSINE MONOPHOSPHATE' 'C10 H14 N5 O7 P'
#
# COMPACT_ATOMS: atom_id res chain seq x y z
N GLU A 2 28.42 10.29 -3.48
CA GLU A 2 28.05 8.98 -4.06
C GLU A 2 26.55 8.73 -3.83
N THR A 3 25.71 9.07 -4.81
CA THR A 3 24.24 8.90 -4.73
C THR A 3 23.83 7.64 -5.50
N ALA A 4 23.00 6.81 -4.87
CA ALA A 4 22.38 5.61 -5.47
C ALA A 4 21.44 6.04 -6.61
N THR A 5 21.47 5.30 -7.72
CA THR A 5 20.58 5.49 -8.90
C THR A 5 19.45 4.46 -8.86
N THR A 6 19.50 3.56 -7.88
CA THR A 6 18.72 2.29 -7.81
C THR A 6 18.40 2.02 -6.33
N LEU A 7 17.21 1.51 -6.03
CA LEU A 7 16.82 1.12 -4.64
C LEU A 7 17.72 -0.02 -4.18
N THR A 8 17.86 -1.07 -5.00
CA THR A 8 18.79 -2.21 -4.79
C THR A 8 20.19 -1.69 -4.44
N GLY A 9 20.66 -0.66 -5.15
CA GLY A 9 21.99 -0.05 -4.99
C GLY A 9 22.09 0.69 -3.67
N LEU A 10 21.03 1.38 -3.26
CA LEU A 10 20.93 2.08 -1.95
C LEU A 10 21.02 1.05 -0.82
N LEU A 11 20.24 -0.04 -0.92
CA LEU A 11 20.17 -1.09 0.12
C LEU A 11 21.50 -1.84 0.22
N GLN A 12 22.18 -2.02 -0.92
CA GLN A 12 23.53 -2.66 -0.99
C GLN A 12 24.55 -1.71 -0.34
N SER A 13 24.40 -0.41 -0.57
CA SER A 13 25.20 0.68 0.05
C SER A 13 25.02 0.65 1.57
N VAL A 14 23.82 0.29 2.04
CA VAL A 14 23.47 0.21 3.50
C VAL A 14 24.14 -1.04 4.08
N ALA A 15 24.06 -2.17 3.38
CA ALA A 15 24.71 -3.46 3.75
C ALA A 15 26.20 -3.23 3.96
N LYS A 16 26.84 -2.46 3.07
CA LYS A 16 28.30 -2.16 3.10
C LYS A 16 28.63 -1.24 4.29
N THR A 17 27.81 -0.22 4.54
CA THR A 17 28.11 0.89 5.48
C THR A 17 27.77 0.47 6.92
N PHE A 18 26.64 -0.22 7.12
CA PHE A 18 26.13 -0.64 8.45
C PHE A 18 25.87 -2.15 8.46
N PRO A 19 26.89 -3.00 8.16
CA PRO A 19 26.68 -4.44 8.03
C PRO A 19 26.27 -5.13 9.34
N SER A 20 26.65 -4.56 10.49
CA SER A 20 26.47 -5.13 11.85
C SER A 20 25.18 -4.60 12.50
N ARG A 21 24.64 -3.48 12.00
CA ARG A 21 23.42 -2.85 12.56
C ARG A 21 22.19 -3.72 12.25
N ARG A 22 21.23 -3.76 13.17
CA ARG A 22 19.96 -4.52 13.04
C ARG A 22 19.16 -3.96 11.86
N GLY A 23 18.82 -4.81 10.89
CA GLY A 23 18.04 -4.44 9.70
C GLY A 23 16.57 -4.74 9.87
N ILE A 24 16.22 -6.03 9.96
CA ILE A 24 14.82 -6.52 10.14
C ILE A 24 14.79 -7.59 11.24
N SER A 25 13.70 -7.63 12.00
CA SER A 25 13.47 -8.56 13.14
C SER A 25 12.08 -9.18 12.99
N LEU A 26 11.94 -10.44 13.39
CA LEU A 26 10.64 -11.08 13.73
C LEU A 26 10.46 -10.95 15.23
N ALA A 27 9.51 -10.11 15.67
CA ALA A 27 9.29 -9.72 17.09
C ALA A 27 9.39 -10.95 18.00
N GLY A 28 10.39 -10.97 18.88
CA GLY A 28 10.55 -11.96 19.98
C GLY A 28 11.05 -13.31 19.49
N LYS A 29 11.57 -13.40 18.26
CA LYS A 29 12.01 -14.68 17.64
C LYS A 29 13.47 -14.57 17.19
N PHE A 30 13.79 -13.63 16.29
CA PHE A 30 15.15 -13.47 15.73
C PHE A 30 15.35 -12.08 15.10
N ASP A 31 16.63 -11.70 14.95
CA ASP A 31 17.10 -10.43 14.34
C ASP A 31 18.03 -10.75 13.17
N LEU A 32 17.91 -10.00 12.06
CA LEU A 32 18.82 -10.05 10.89
C LEU A 32 19.52 -8.69 10.75
N THR A 33 20.84 -8.70 10.62
CA THR A 33 21.66 -7.50 10.30
C THR A 33 21.45 -7.13 8.84
N HIS A 34 21.79 -5.90 8.45
CA HIS A 34 21.71 -5.40 7.05
C HIS A 34 22.49 -6.32 6.12
N SER A 35 23.71 -6.73 6.51
CA SER A 35 24.63 -7.58 5.70
C SER A 35 24.06 -8.98 5.54
N HIS A 36 23.46 -9.52 6.60
CA HIS A 36 22.89 -10.90 6.63
C HIS A 36 21.63 -10.96 5.75
N LEU A 37 20.73 -9.97 5.90
CA LEU A 37 19.54 -9.80 5.02
C LEU A 37 19.99 -9.74 3.56
N ASN A 38 21.05 -8.99 3.27
CA ASN A 38 21.62 -8.81 1.90
C ASN A 38 22.09 -10.16 1.37
N GLU A 39 22.84 -10.94 2.18
CA GLU A 39 23.31 -12.30 1.83
C GLU A 39 22.10 -13.19 1.49
N LEU A 40 21.04 -13.13 2.31
CA LEU A 40 19.78 -13.89 2.11
C LEU A 40 19.11 -13.45 0.80
N VAL A 41 19.01 -12.14 0.59
CA VAL A 41 18.43 -11.52 -0.65
C VAL A 41 19.21 -12.04 -1.86
N GLU A 42 20.54 -12.03 -1.78
CA GLU A 42 21.46 -12.45 -2.87
C GLU A 42 21.25 -13.95 -3.16
N SER A 43 21.14 -14.77 -2.11
CA SER A 43 20.94 -16.25 -2.21
C SER A 43 19.60 -16.55 -2.88
N ALA A 44 18.53 -15.85 -2.46
CA ALA A 44 17.17 -15.95 -3.01
C ALA A 44 17.18 -15.52 -4.48
N ALA A 45 17.88 -14.42 -4.79
CA ALA A 45 18.10 -13.91 -6.16
C ALA A 45 18.65 -15.02 -7.05
N ASP A 46 19.74 -15.67 -6.60
CA ASP A 46 20.40 -16.82 -7.29
C ASP A 46 19.35 -17.90 -7.61
N HIS A 47 18.45 -18.19 -6.65
CA HIS A 47 17.38 -19.22 -6.78
C HIS A 47 16.34 -18.77 -7.82
N LEU A 48 16.03 -17.47 -7.89
CA LEU A 48 15.05 -16.91 -8.87
C LEU A 48 15.62 -17.01 -10.29
N ILE A 49 16.94 -16.81 -10.45
CA ILE A 49 17.65 -17.02 -11.75
C ILE A 49 17.50 -18.49 -12.14
N SER A 50 17.89 -19.39 -11.24
CA SER A 50 17.78 -20.87 -11.37
C SER A 50 16.35 -21.28 -11.80
N ALA A 51 15.32 -20.60 -11.29
CA ALA A 51 13.89 -20.87 -11.56
C ALA A 51 13.47 -20.34 -12.94
N GLY A 52 14.34 -19.59 -13.61
CA GLY A 52 14.14 -19.14 -15.01
C GLY A 52 13.58 -17.72 -15.09
N ILE A 53 13.57 -16.97 -13.98
CA ILE A 53 13.08 -15.56 -13.91
C ILE A 53 14.13 -14.66 -14.58
N LYS A 54 13.79 -14.12 -15.76
CA LYS A 54 14.64 -13.22 -16.58
C LYS A 54 14.22 -11.77 -16.35
N PRO A 55 15.07 -10.77 -16.69
CA PRO A 55 14.71 -9.36 -16.53
C PRO A 55 13.35 -9.02 -17.14
N ASN A 56 12.54 -8.23 -16.40
CA ASN A 56 11.22 -7.68 -16.81
C ASN A 56 10.09 -8.69 -16.49
N ASP A 57 10.42 -9.93 -16.11
CA ASP A 57 9.43 -10.95 -15.68
C ASP A 57 8.76 -10.47 -14.38
N VAL A 58 7.43 -10.62 -14.30
CA VAL A 58 6.64 -10.28 -13.10
C VAL A 58 6.53 -11.52 -12.23
N VAL A 59 6.91 -11.40 -10.95
CA VAL A 59 6.77 -12.48 -9.92
C VAL A 59 5.74 -12.00 -8.89
N ALA A 60 4.57 -12.63 -8.88
CA ALA A 60 3.47 -12.34 -7.93
C ALA A 60 3.86 -12.86 -6.54
N LEU A 61 3.59 -12.06 -5.49
CA LEU A 61 3.90 -12.39 -4.07
C LEU A 61 2.62 -12.15 -3.25
N THR A 62 2.10 -13.20 -2.61
CA THR A 62 0.92 -13.12 -1.71
C THR A 62 1.32 -13.71 -0.34
N PHE A 63 1.76 -12.84 0.57
CA PHE A 63 2.26 -13.19 1.93
C PHE A 63 1.62 -12.27 2.96
N PRO A 64 1.56 -12.68 4.24
CA PRO A 64 1.39 -11.74 5.34
C PRO A 64 2.66 -10.88 5.47
N ASN A 65 2.73 -10.00 6.47
CA ASN A 65 3.92 -9.15 6.74
C ASN A 65 4.96 -10.00 7.47
N THR A 66 5.71 -10.83 6.73
CA THR A 66 6.74 -11.78 7.23
C THR A 66 8.10 -11.46 6.59
N VAL A 67 9.19 -11.96 7.17
CA VAL A 67 10.58 -11.71 6.69
C VAL A 67 10.77 -12.42 5.35
N GLU A 68 10.12 -13.57 5.15
CA GLU A 68 10.11 -14.31 3.85
C GLU A 68 9.74 -13.32 2.73
N TYR A 69 8.64 -12.58 2.90
CA TYR A 69 8.11 -11.60 1.91
C TYR A 69 9.15 -10.52 1.62
N VAL A 70 9.80 -10.00 2.67
CA VAL A 70 10.81 -8.89 2.60
C VAL A 70 12.02 -9.37 1.78
N ILE A 71 12.43 -10.63 1.94
CA ILE A 71 13.61 -11.21 1.23
C ILE A 71 13.26 -11.39 -0.24
N LEU A 72 12.13 -12.04 -0.54
CA LEU A 72 11.67 -12.37 -1.91
C LEU A 72 11.49 -11.08 -2.71
N PHE A 73 10.78 -10.10 -2.14
CA PHE A 73 10.50 -8.78 -2.75
C PHE A 73 11.82 -8.16 -3.25
N LEU A 74 12.81 -8.06 -2.36
CA LEU A 74 14.14 -7.43 -2.65
C LEU A 74 14.92 -8.31 -3.65
N ALA A 75 14.73 -9.64 -3.58
CA ALA A 75 15.39 -10.63 -4.45
C ALA A 75 14.83 -10.55 -5.87
N VAL A 76 13.51 -10.39 -6.01
CA VAL A 76 12.83 -10.22 -7.32
C VAL A 76 13.39 -8.95 -7.99
N ILE A 77 13.44 -7.85 -7.24
CA ILE A 77 13.97 -6.53 -7.69
C ILE A 77 15.47 -6.66 -8.01
N ARG A 78 16.20 -7.46 -7.22
CA ARG A 78 17.67 -7.65 -7.34
C ARG A 78 18.02 -8.23 -8.71
N VAL A 79 17.21 -9.15 -9.24
CA VAL A 79 17.46 -9.86 -10.54
C VAL A 79 16.79 -9.12 -11.69
N ARG A 80 16.44 -7.83 -11.50
CA ARG A 80 15.85 -6.95 -12.54
C ARG A 80 14.46 -7.46 -12.97
N ALA A 81 13.78 -8.20 -12.09
CA ALA A 81 12.38 -8.64 -12.26
C ALA A 81 11.46 -7.71 -11.47
N THR A 82 10.16 -7.79 -11.73
CA THR A 82 9.11 -6.89 -11.17
C THR A 82 8.31 -7.66 -10.12
N ALA A 83 8.32 -7.17 -8.88
CA ALA A 83 7.46 -7.66 -7.77
C ALA A 83 6.03 -7.19 -7.99
N ALA A 84 5.07 -8.12 -7.94
CA ALA A 84 3.62 -7.86 -8.01
C ALA A 84 2.96 -8.37 -6.74
N PRO A 85 3.13 -7.68 -5.59
CA PRO A 85 2.47 -8.09 -4.35
C PRO A 85 0.94 -7.96 -4.45
N LEU A 86 0.23 -8.92 -3.85
CA LEU A 86 -1.26 -9.07 -3.94
C LEU A 86 -1.82 -9.42 -2.56
N ASN A 87 -2.93 -8.78 -2.17
CA ASN A 87 -3.67 -9.01 -0.89
C ASN A 87 -4.08 -10.49 -0.83
N ALA A 88 -3.56 -11.23 0.16
CA ALA A 88 -3.84 -12.66 0.41
C ALA A 88 -5.34 -12.91 0.57
N ALA A 89 -6.11 -11.88 0.96
CA ALA A 89 -7.56 -11.96 1.26
C ALA A 89 -8.39 -11.94 -0.03
N TYR A 90 -7.76 -11.81 -1.20
CA TYR A 90 -8.46 -11.76 -2.53
C TYR A 90 -9.14 -13.10 -2.80
N THR A 91 -10.24 -13.04 -3.56
CA THR A 91 -10.99 -14.23 -4.06
C THR A 91 -10.19 -14.82 -5.24
N ALA A 92 -10.54 -16.05 -5.65
CA ALA A 92 -9.99 -16.73 -6.84
C ALA A 92 -10.23 -15.87 -8.09
N GLU A 93 -11.40 -15.22 -8.16
CA GLU A 93 -11.84 -14.38 -9.32
C GLU A 93 -10.95 -13.12 -9.41
N GLU A 94 -10.66 -12.48 -8.27
CA GLU A 94 -9.75 -11.31 -8.20
C GLU A 94 -8.33 -11.74 -8.55
N PHE A 95 -7.80 -12.76 -7.87
CA PHE A 95 -6.44 -13.30 -8.08
C PHE A 95 -6.24 -13.61 -9.56
N GLU A 96 -7.24 -14.21 -10.22
CA GLU A 96 -7.17 -14.61 -11.65
C GLU A 96 -6.88 -13.38 -12.51
N PHE A 97 -7.60 -12.28 -12.29
CA PHE A 97 -7.44 -11.02 -13.05
C PHE A 97 -6.03 -10.43 -12.80
N TYR A 98 -5.67 -10.26 -11.53
CA TYR A 98 -4.42 -9.55 -11.09
C TYR A 98 -3.19 -10.30 -11.59
N LEU A 99 -3.16 -11.63 -11.44
CA LEU A 99 -2.07 -12.52 -11.93
C LEU A 99 -2.00 -12.44 -13.46
N SER A 100 -3.17 -12.45 -14.13
CA SER A 100 -3.33 -12.41 -15.61
C SER A 100 -2.86 -11.05 -16.16
N ASP A 101 -3.46 -9.95 -15.68
CA ASP A 101 -3.26 -8.58 -16.21
C ASP A 101 -1.82 -8.12 -15.97
N SER A 102 -1.17 -8.63 -14.91
CA SER A 102 0.22 -8.27 -14.51
C SER A 102 1.23 -9.14 -15.27
N GLU A 103 0.77 -10.13 -16.03
CA GLU A 103 1.61 -11.07 -16.83
C GLU A 103 2.58 -11.80 -15.89
N SER A 104 2.11 -12.15 -14.68
CA SER A 104 2.87 -12.89 -13.66
C SER A 104 3.31 -14.24 -14.24
N LYS A 105 4.60 -14.55 -14.16
CA LYS A 105 5.21 -15.80 -14.69
C LYS A 105 5.68 -16.68 -13.52
N LEU A 106 5.36 -16.30 -12.27
CA LEU A 106 5.60 -17.12 -11.04
C LEU A 106 4.78 -16.54 -9.88
N LEU A 107 4.12 -17.42 -9.11
CA LEU A 107 3.42 -17.08 -7.84
C LEU A 107 4.16 -17.73 -6.68
N LEU A 108 4.41 -16.96 -5.62
CA LEU A 108 5.06 -17.42 -4.36
C LEU A 108 4.14 -17.14 -3.18
N THR A 109 3.93 -18.14 -2.33
CA THR A 109 3.09 -18.09 -1.11
C THR A 109 3.94 -18.55 0.07
N PRO A 110 3.44 -18.43 1.33
CA PRO A 110 4.04 -19.15 2.46
C PRO A 110 3.88 -20.67 2.29
N LEU A 111 4.48 -21.45 3.19
CA LEU A 111 4.47 -22.94 3.16
C LEU A 111 3.03 -23.45 3.25
N GLU A 112 2.18 -22.82 4.08
CA GLU A 112 0.74 -23.21 4.26
C GLU A 112 0.00 -23.00 2.94
N GLY A 113 0.42 -22.02 2.13
CA GLY A 113 -0.16 -21.75 0.79
C GLY A 113 -1.29 -20.74 0.83
N ASN A 114 -1.93 -20.51 -0.33
CA ASN A 114 -3.06 -19.57 -0.53
C ASN A 114 -3.96 -20.17 -1.61
N LYS A 115 -5.00 -20.90 -1.21
CA LYS A 115 -5.79 -21.79 -2.10
C LYS A 115 -6.47 -20.97 -3.20
N PRO A 116 -7.13 -19.84 -2.89
CA PRO A 116 -7.72 -19.00 -3.94
C PRO A 116 -6.70 -18.54 -5.00
N ALA A 117 -5.51 -18.12 -4.56
CA ALA A 117 -4.39 -17.68 -5.42
C ALA A 117 -3.86 -18.87 -6.23
N GLN A 118 -3.74 -20.03 -5.59
CA GLN A 118 -3.25 -21.30 -6.20
C GLN A 118 -4.25 -21.80 -7.24
N ASP A 119 -5.55 -21.65 -6.97
CA ASP A 119 -6.65 -21.99 -7.91
C ASP A 119 -6.52 -21.13 -9.17
N ALA A 120 -6.21 -19.84 -9.00
CA ALA A 120 -6.10 -18.83 -10.09
C ALA A 120 -4.88 -19.16 -10.97
N ALA A 121 -3.72 -19.37 -10.35
CA ALA A 121 -2.43 -19.68 -11.01
C ALA A 121 -2.55 -20.99 -11.81
N SER A 122 -3.14 -22.03 -11.18
CA SER A 122 -3.39 -23.37 -11.78
C SER A 122 -4.18 -23.23 -13.09
N LYS A 123 -5.23 -22.39 -13.09
CA LYS A 123 -6.14 -22.16 -14.24
C LYS A 123 -5.42 -21.36 -15.33
N LEU A 124 -4.54 -20.43 -14.94
CA LEU A 124 -3.77 -19.56 -15.87
C LEU A 124 -2.44 -20.21 -16.26
N SER A 125 -2.19 -21.44 -15.78
CA SER A 125 -0.97 -22.24 -16.05
C SER A 125 0.28 -21.45 -15.61
N ILE A 126 0.17 -20.70 -14.51
CA ILE A 126 1.28 -19.89 -13.92
C ILE A 126 2.01 -20.76 -12.90
N PRO A 127 3.35 -20.97 -13.05
CA PRO A 127 4.12 -21.74 -12.07
C PRO A 127 3.90 -21.29 -10.63
N LEU A 128 3.86 -22.25 -9.70
CA LEU A 128 3.66 -22.03 -8.25
C LEU A 128 4.94 -22.39 -7.51
N GLY A 129 5.24 -21.63 -6.45
CA GLY A 129 6.31 -21.93 -5.48
C GLY A 129 5.90 -21.46 -4.10
N SER A 130 6.62 -21.91 -3.06
CA SER A 130 6.47 -21.42 -1.66
C SER A 130 7.85 -20.97 -1.16
N ALA A 131 7.87 -20.16 -0.09
CA ALA A 131 9.11 -19.68 0.57
C ALA A 131 8.95 -19.81 2.09
N SER A 132 9.95 -20.38 2.76
CA SER A 132 10.01 -20.58 4.22
C SER A 132 11.42 -20.27 4.73
N LEU A 133 11.52 -19.39 5.74
CA LEU A 133 12.80 -19.05 6.42
C LEU A 133 12.88 -19.86 7.71
N THR A 134 13.80 -20.83 7.77
CA THR A 134 14.19 -21.55 9.00
C THR A 134 15.42 -20.84 9.59
N LYS A 135 15.33 -20.36 10.83
CA LYS A 135 16.49 -19.83 11.60
C LYS A 135 16.51 -20.52 12.96
N SER A 136 17.17 -21.68 13.02
CA SER A 136 17.40 -22.51 14.24
C SER A 136 18.90 -22.48 14.59
N GLU A 137 19.27 -23.18 15.67
CA GLU A 137 20.68 -23.30 16.13
C GLU A 137 21.49 -24.15 15.13
N GLU A 138 20.81 -24.98 14.34
CA GLU A 138 21.42 -25.94 13.38
C GLU A 138 21.63 -25.29 12.01
N GLU A 139 20.73 -24.41 11.57
CA GLU A 139 20.80 -23.77 10.22
C GLU A 139 20.06 -22.43 10.20
N THR A 140 20.40 -21.59 9.22
CA THR A 140 19.60 -20.42 8.76
C THR A 140 19.53 -20.48 7.24
N LYS A 141 18.33 -20.61 6.68
CA LYS A 141 18.10 -20.95 5.25
C LYS A 141 16.71 -20.48 4.82
N LEU A 142 16.64 -19.78 3.68
CA LEU A 142 15.38 -19.43 2.97
C LEU A 142 15.17 -20.46 1.85
N THR A 143 14.33 -21.46 2.10
CA THR A 143 13.99 -22.56 1.16
C THR A 143 12.86 -22.09 0.24
N ILE A 144 13.17 -21.95 -1.06
CA ILE A 144 12.18 -21.67 -2.14
C ILE A 144 11.85 -23.00 -2.82
N SER A 145 10.63 -23.50 -2.61
CA SER A 145 10.15 -24.81 -3.10
C SER A 145 9.19 -24.60 -4.28
N LEU A 146 9.68 -24.82 -5.52
CA LEU A 146 8.88 -24.74 -6.78
C LEU A 146 8.15 -26.07 -6.99
N LYS A 147 6.84 -26.05 -7.25
CA LYS A 147 6.04 -27.25 -7.61
C LYS A 147 6.48 -27.75 -8.98
N HIS A 148 6.82 -26.82 -9.89
CA HIS A 148 7.30 -27.06 -11.27
C HIS A 148 8.72 -26.51 -11.42
N PRO A 149 9.76 -27.15 -10.83
CA PRO A 149 11.12 -26.62 -10.90
C PRO A 149 11.66 -26.59 -12.33
N GLU A 150 12.31 -25.48 -12.70
CA GLU A 150 12.89 -25.23 -14.05
C GLU A 150 14.23 -25.97 -14.16
N SER A 151 15.10 -25.85 -13.15
CA SER A 151 16.48 -26.40 -13.11
C SER A 151 16.58 -27.52 -12.07
N GLY A 152 17.73 -28.21 -12.03
CA GLY A 152 18.04 -29.31 -11.11
C GLY A 152 19.10 -28.90 -10.09
N SER A 160 26.39 -15.42 -11.79
CA SER A 160 25.01 -15.77 -11.36
C SER A 160 24.18 -14.49 -11.22
N VAL A 161 24.44 -13.68 -10.19
CA VAL A 161 23.79 -12.36 -9.93
C VAL A 161 24.85 -11.26 -10.02
N ALA A 162 26.02 -11.57 -10.60
CA ALA A 162 27.15 -10.63 -10.81
C ALA A 162 26.92 -9.84 -12.10
N LYS A 163 26.64 -10.54 -13.21
CA LYS A 163 26.44 -9.95 -14.56
C LYS A 163 25.18 -9.07 -14.58
N LEU A 164 24.27 -9.24 -13.61
CA LEU A 164 22.99 -8.48 -13.51
C LEU A 164 23.22 -7.14 -12.79
N ILE A 165 23.31 -6.06 -13.56
CA ILE A 165 23.40 -4.66 -13.04
C ILE A 165 22.02 -4.01 -13.16
N ASN A 166 21.40 -3.66 -12.03
CA ASN A 166 20.07 -3.00 -11.98
C ASN A 166 20.18 -1.63 -12.65
N GLU A 167 19.19 -1.26 -13.45
CA GLU A 167 19.13 0.04 -14.17
C GLU A 167 18.00 0.87 -13.57
N PRO A 168 18.17 2.21 -13.44
CA PRO A 168 17.09 3.08 -12.92
C PRO A 168 15.72 2.85 -13.59
N SER A 169 15.71 2.66 -14.91
CA SER A 169 14.49 2.52 -15.76
C SER A 169 13.75 1.21 -15.49
N ASP A 170 14.42 0.21 -14.91
CA ASP A 170 13.84 -1.13 -14.64
C ASP A 170 12.59 -0.99 -13.78
N VAL A 171 11.46 -1.50 -14.26
CA VAL A 171 10.20 -1.65 -13.46
C VAL A 171 10.48 -2.68 -12.36
N ALA A 172 10.29 -2.28 -11.09
CA ALA A 172 10.63 -3.07 -9.88
C ALA A 172 9.36 -3.49 -9.12
N LEU A 173 8.38 -2.59 -9.01
CA LEU A 173 7.10 -2.82 -8.28
C LEU A 173 5.93 -2.54 -9.23
N PHE A 174 5.00 -3.49 -9.35
CA PHE A 174 3.77 -3.37 -10.17
C PHE A 174 2.55 -3.58 -9.27
N LEU A 175 1.67 -2.58 -9.23
CA LEU A 175 0.44 -2.56 -8.40
C LEU A 175 -0.72 -2.05 -9.25
N HIS A 176 -1.94 -2.55 -8.99
CA HIS A 176 -3.17 -2.08 -9.67
C HIS A 176 -3.79 -0.95 -8.84
N THR A 177 -4.47 -0.03 -9.53
CA THR A 177 -5.26 1.09 -8.93
C THR A 177 -6.52 1.29 -9.78
N SER A 178 -7.52 1.99 -9.25
CA SER A 178 -8.87 2.11 -9.85
C SER A 178 -9.03 3.43 -10.63
N GLY A 179 -9.81 3.41 -11.71
CA GLY A 179 -10.12 4.63 -12.50
C GLY A 179 -11.10 4.39 -13.65
N THR A 180 -12.36 4.78 -13.45
CA THR A 180 -13.38 5.14 -14.47
C THR A 180 -13.88 3.93 -15.30
N THR A 181 -13.12 2.84 -15.41
CA THR A 181 -13.31 1.83 -16.50
C THR A 181 -13.73 0.44 -16.00
N SER A 182 -13.78 0.19 -14.68
CA SER A 182 -14.16 -1.13 -14.10
C SER A 182 -13.00 -2.13 -14.19
N ARG A 183 -12.04 -1.91 -15.10
CA ARG A 183 -10.78 -2.68 -15.18
C ARG A 183 -9.69 -1.90 -14.45
N PRO A 184 -9.15 -2.39 -13.31
CA PRO A 184 -8.06 -1.72 -12.61
C PRO A 184 -6.88 -1.41 -13.53
N LYS A 185 -6.32 -0.20 -13.39
CA LYS A 185 -5.12 0.26 -14.13
C LYS A 185 -3.86 -0.36 -13.51
N GLY A 186 -2.91 -0.78 -14.35
CA GLY A 186 -1.59 -1.27 -13.90
C GLY A 186 -0.61 -0.12 -13.72
N VAL A 187 0.00 -0.02 -12.53
CA VAL A 187 0.97 1.06 -12.16
C VAL A 187 2.38 0.47 -12.07
N PRO A 188 3.24 0.67 -13.10
CA PRO A 188 4.66 0.30 -13.02
C PRO A 188 5.49 1.37 -12.31
N LEU A 189 6.13 1.01 -11.19
CA LEU A 189 7.06 1.88 -10.43
C LEU A 189 8.49 1.40 -10.68
N THR A 190 9.35 2.27 -11.21
CA THR A 190 10.74 1.96 -11.60
C THR A 190 11.63 1.83 -10.36
N GLN A 191 12.82 1.26 -10.56
CA GLN A 191 13.94 1.25 -9.59
C GLN A 191 14.25 2.70 -9.19
N HIS A 192 14.25 3.61 -10.19
CA HIS A 192 14.45 5.07 -10.04
C HIS A 192 13.32 5.69 -9.20
N ASN A 193 12.08 5.26 -9.41
CA ASN A 193 10.88 5.83 -8.74
C ASN A 193 10.98 5.59 -7.23
N LEU A 194 11.32 4.37 -6.82
CA LEU A 194 11.32 3.92 -5.41
C LEU A 194 12.47 4.57 -4.64
N VAL A 195 13.66 4.67 -5.24
CA VAL A 195 14.86 5.26 -4.57
C VAL A 195 14.64 6.78 -4.44
N SER A 196 13.92 7.39 -5.39
CA SER A 196 13.51 8.82 -5.35
C SER A 196 12.58 9.04 -4.14
N SER A 197 11.60 8.16 -3.97
CA SER A 197 10.56 8.24 -2.91
C SER A 197 11.20 8.00 -1.53
N VAL A 198 12.14 7.05 -1.44
CA VAL A 198 12.88 6.70 -0.19
C VAL A 198 13.69 7.92 0.28
N LYS A 199 14.33 8.64 -0.64
CA LYS A 199 15.12 9.86 -0.34
C LYS A 199 14.18 10.95 0.18
N ASN A 200 13.02 11.13 -0.46
CA ASN A 200 11.99 12.11 -0.05
C ASN A 200 11.57 11.82 1.40
N ILE A 201 11.21 10.57 1.70
CA ILE A 201 10.71 10.12 3.03
C ILE A 201 11.85 10.22 4.06
N GLN A 202 13.06 9.80 3.68
CA GLN A 202 14.27 9.92 4.54
C GLN A 202 14.51 11.40 4.88
N SER A 203 14.37 12.28 3.89
CA SER A 203 14.65 13.74 3.99
C SER A 203 13.67 14.40 4.96
N VAL A 204 12.37 14.33 4.68
CA VAL A 204 11.31 15.07 5.43
C VAL A 204 11.29 14.64 6.90
N TYR A 205 11.51 13.35 7.18
CA TYR A 205 11.46 12.76 8.55
C TYR A 205 12.88 12.60 9.12
N GLN A 206 13.91 12.92 8.34
CA GLN A 206 15.34 12.85 8.73
C GLN A 206 15.62 11.48 9.36
N LEU A 207 15.22 10.40 8.68
CA LEU A 207 15.48 9.00 9.11
C LEU A 207 16.98 8.75 9.09
N THR A 208 17.50 8.09 10.13
CA THR A 208 18.93 7.72 10.28
C THR A 208 19.02 6.25 10.71
N GLU A 209 20.24 5.71 10.75
CA GLU A 209 20.53 4.29 11.12
C GLU A 209 20.07 4.00 12.55
N SER A 210 19.94 5.03 13.40
CA SER A 210 19.58 4.92 14.85
C SER A 210 18.06 4.75 15.02
N ASP A 211 17.27 5.02 13.97
CA ASP A 211 15.79 4.87 14.00
C ASP A 211 15.43 3.37 13.94
N SER A 212 14.30 3.00 14.55
CA SER A 212 13.63 1.69 14.38
C SER A 212 12.11 1.88 14.46
N THR A 213 11.33 0.97 13.88
CA THR A 213 9.85 1.07 13.79
C THR A 213 9.23 -0.32 13.71
N VAL A 214 7.98 -0.44 14.18
CA VAL A 214 7.14 -1.67 14.08
C VAL A 214 6.14 -1.48 12.93
N ILE A 215 6.12 -2.42 11.98
CA ILE A 215 5.19 -2.42 10.82
C ILE A 215 3.81 -2.88 11.29
N VAL A 216 2.79 -2.03 11.15
CA VAL A 216 1.38 -2.32 11.53
C VAL A 216 0.46 -2.14 10.30
N LEU A 217 1.04 -2.06 9.10
CA LEU A 217 0.29 -1.89 7.83
C LEU A 217 0.68 -3.01 6.87
N PRO A 218 -0.21 -3.36 5.91
CA PRO A 218 0.11 -4.38 4.91
C PRO A 218 1.27 -3.95 4.00
N LEU A 219 2.22 -4.85 3.76
CA LEU A 219 3.44 -4.58 2.95
C LEU A 219 3.16 -4.79 1.45
N PHE A 220 1.89 -5.02 1.07
CA PHE A 220 1.44 -5.11 -0.34
C PHE A 220 0.82 -3.77 -0.79
N HIS A 221 0.73 -2.80 0.11
CA HIS A 221 0.35 -1.38 -0.19
C HIS A 221 1.58 -0.49 0.01
N VAL A 222 1.67 0.60 -0.76
CA VAL A 222 2.87 1.48 -0.85
C VAL A 222 3.17 2.10 0.52
N HIS A 223 2.16 2.44 1.31
CA HIS A 223 2.31 3.04 2.66
C HIS A 223 3.28 2.18 3.50
N GLY A 224 2.91 0.94 3.78
CA GLY A 224 3.72 0.00 4.57
C GLY A 224 5.02 -0.35 3.87
N LEU A 225 4.94 -0.63 2.56
CA LEU A 225 6.07 -1.16 1.76
C LEU A 225 7.18 -0.11 1.64
N ILE A 226 6.84 1.09 1.18
CA ILE A 226 7.83 2.13 0.77
C ILE A 226 8.21 2.98 2.00
N ALA A 227 7.23 3.56 2.70
CA ALA A 227 7.45 4.41 3.89
C ALA A 227 7.88 3.54 5.09
N GLY A 228 7.20 2.42 5.32
CA GLY A 228 7.48 1.52 6.46
C GLY A 228 8.80 0.78 6.30
N LEU A 229 8.87 -0.13 5.31
CA LEU A 229 10.01 -1.07 5.13
C LEU A 229 11.18 -0.37 4.43
N LEU A 230 11.02 -0.03 3.15
CA LEU A 230 12.13 0.31 2.22
C LEU A 230 12.80 1.62 2.64
N SER A 231 12.03 2.63 3.06
CA SER A 231 12.55 3.94 3.51
C SER A 231 13.39 3.77 4.78
N SER A 232 13.03 2.82 5.64
CA SER A 232 13.80 2.45 6.86
C SER A 232 15.12 1.80 6.46
N LEU A 233 15.05 0.73 5.65
CA LEU A 233 16.22 -0.08 5.23
C LEU A 233 17.19 0.79 4.40
N GLY A 234 16.66 1.66 3.53
CA GLY A 234 17.44 2.62 2.73
C GLY A 234 18.17 3.62 3.60
N SER A 235 17.59 3.97 4.75
CA SER A 235 18.15 4.91 5.75
C SER A 235 19.11 4.19 6.71
N GLY A 236 19.14 2.85 6.66
CA GLY A 236 19.96 2.01 7.55
C GLY A 236 19.27 1.76 8.88
N ALA A 237 18.02 2.21 9.02
CA ALA A 237 17.17 2.05 10.23
C ALA A 237 16.70 0.61 10.32
N ALA A 238 16.11 0.23 11.47
CA ALA A 238 15.64 -1.13 11.78
C ALA A 238 14.12 -1.24 11.56
N VAL A 239 13.66 -2.40 11.10
CA VAL A 239 12.22 -2.74 10.87
C VAL A 239 11.87 -3.95 11.74
N VAL A 240 10.77 -3.88 12.50
CA VAL A 240 10.28 -4.99 13.36
C VAL A 240 8.91 -5.45 12.84
N LEU A 241 8.81 -6.72 12.46
CA LEU A 241 7.54 -7.37 12.04
C LEU A 241 6.92 -8.08 13.24
N PRO A 242 5.68 -7.70 13.66
CA PRO A 242 4.93 -8.47 14.64
C PRO A 242 4.81 -9.95 14.28
N ALA A 243 4.90 -10.83 15.30
CA ALA A 243 4.85 -12.30 15.17
C ALA A 243 3.60 -12.74 14.42
N ALA A 244 2.49 -12.02 14.57
CA ALA A 244 1.15 -12.33 14.01
C ALA A 244 1.12 -12.13 12.49
N GLY A 245 2.16 -11.50 11.91
CA GLY A 245 2.25 -11.22 10.47
C GLY A 245 1.32 -10.09 10.07
N ARG A 246 0.79 -9.36 11.05
CA ARG A 246 -0.19 -8.25 10.88
C ARG A 246 -0.16 -7.39 12.14
N PHE A 247 -0.83 -6.23 12.11
CA PHE A 247 -0.99 -5.34 13.29
C PHE A 247 -1.68 -6.12 14.41
N SER A 248 -1.08 -6.09 15.61
CA SER A 248 -1.62 -6.68 16.86
C SER A 248 -1.64 -5.61 17.96
N ALA A 249 -2.83 -5.25 18.43
CA ALA A 249 -3.06 -4.22 19.47
C ALA A 249 -2.38 -4.61 20.79
N SER A 250 -2.39 -5.89 21.14
CA SER A 250 -1.91 -6.43 22.43
C SER A 250 -0.38 -6.39 22.50
N THR A 251 0.32 -6.58 21.38
CA THR A 251 1.80 -6.72 21.33
C THR A 251 2.48 -5.43 20.85
N PHE A 252 1.71 -4.49 20.27
CA PHE A 252 2.23 -3.26 19.59
C PHE A 252 3.30 -2.58 20.45
N TRP A 253 2.92 -2.13 21.64
CA TRP A 253 3.80 -1.29 22.51
C TRP A 253 4.92 -2.15 23.13
N LYS A 254 4.62 -3.41 23.48
CA LYS A 254 5.64 -4.39 23.95
C LYS A 254 6.76 -4.49 22.90
N ASP A 255 6.40 -4.51 21.62
CA ASP A 255 7.33 -4.67 20.47
C ASP A 255 8.05 -3.33 20.20
N MET A 256 7.34 -2.21 20.32
CA MET A 256 7.93 -0.85 20.13
C MET A 256 9.00 -0.60 21.19
N ILE A 257 8.72 -0.94 22.46
CA ILE A 257 9.63 -0.72 23.62
C ILE A 257 10.85 -1.64 23.50
N GLN A 258 10.62 -2.96 23.43
CA GLN A 258 11.67 -4.01 23.37
C GLN A 258 12.67 -3.70 22.24
N TYR A 259 12.21 -3.15 21.11
CA TYR A 259 13.05 -2.88 19.92
C TYR A 259 13.39 -1.40 19.79
N ASN A 260 13.18 -0.62 20.86
CA ASN A 260 13.59 0.81 20.99
C ASN A 260 13.12 1.60 19.76
N ALA A 261 11.83 1.52 19.43
CA ALA A 261 11.20 2.22 18.28
C ALA A 261 11.23 3.73 18.54
N THR A 262 11.53 4.50 17.50
CA THR A 262 11.62 6.00 17.54
C THR A 262 10.44 6.62 16.78
N TRP A 263 9.64 5.82 16.09
CA TRP A 263 8.49 6.29 15.26
C TRP A 263 7.68 5.09 14.76
N TYR A 264 6.42 5.33 14.41
CA TYR A 264 5.55 4.38 13.65
C TYR A 264 4.63 5.18 12.72
N THR A 265 4.15 4.52 11.67
CA THR A 265 3.19 5.04 10.68
C THR A 265 2.01 4.06 10.59
N ALA A 266 0.79 4.59 10.65
CA ALA A 266 -0.48 3.82 10.54
C ALA A 266 -1.53 4.67 9.82
N VAL A 267 -2.77 4.19 9.78
CA VAL A 267 -3.95 4.93 9.26
C VAL A 267 -4.86 5.25 10.44
N PRO A 268 -5.76 6.25 10.34
CA PRO A 268 -6.61 6.65 11.47
C PRO A 268 -7.34 5.51 12.20
N THR A 269 -7.83 4.49 11.48
CA THR A 269 -8.57 3.33 12.05
C THR A 269 -7.65 2.53 12.98
N ILE A 270 -6.37 2.38 12.59
CA ILE A 270 -5.33 1.68 13.40
C ILE A 270 -5.02 2.55 14.63
N HIS A 271 -4.78 3.85 14.42
CA HIS A 271 -4.55 4.85 15.50
C HIS A 271 -5.71 4.79 16.50
N GLN A 272 -6.96 4.72 16.03
CA GLN A 272 -8.19 4.66 16.86
C GLN A 272 -8.11 3.45 17.81
N ILE A 273 -7.73 2.28 17.30
CA ILE A 273 -7.61 1.01 18.08
C ILE A 273 -6.52 1.18 19.14
N ILE A 274 -5.38 1.78 18.77
CA ILE A 274 -4.21 2.02 19.67
C ILE A 274 -4.63 3.00 20.78
N LEU A 275 -5.45 4.00 20.44
CA LEU A 275 -5.97 5.01 21.41
C LEU A 275 -6.88 4.34 22.44
N ASP A 276 -7.90 3.61 21.97
CA ASP A 276 -8.86 2.86 22.83
C ASP A 276 -8.05 1.90 23.73
N ARG A 277 -7.03 1.26 23.16
CA ARG A 277 -6.11 0.32 23.83
C ARG A 277 -5.32 1.04 24.94
N HIS A 278 -5.11 2.36 24.83
CA HIS A 278 -4.42 3.19 25.84
C HIS A 278 -5.37 3.52 27.01
N LEU A 279 -6.67 3.65 26.73
CA LEU A 279 -7.70 3.98 27.75
C LEU A 279 -7.88 2.77 28.69
N ASN A 280 -8.23 1.61 28.13
CA ASN A 280 -8.58 0.37 28.87
C ASN A 280 -7.32 -0.23 29.51
N ASN A 281 -6.23 -0.33 28.75
CA ASN A 281 -4.97 -1.02 29.13
C ASN A 281 -3.80 -0.05 29.01
N PRO A 282 -3.66 0.94 29.91
CA PRO A 282 -2.55 1.90 29.83
C PRO A 282 -1.20 1.23 30.16
N GLU A 283 -0.17 1.51 29.36
CA GLU A 283 1.23 1.13 29.66
C GLU A 283 1.69 1.94 30.87
N PRO A 284 2.60 1.41 31.71
CA PRO A 284 3.19 2.20 32.81
C PRO A 284 3.84 3.50 32.29
N ALA A 285 4.66 3.38 31.24
CA ALA A 285 5.28 4.50 30.49
C ALA A 285 5.27 4.17 28.99
N TYR A 286 5.44 5.19 28.14
CA TYR A 286 5.49 5.07 26.67
C TYR A 286 6.84 5.57 26.16
N PRO A 287 7.47 4.88 25.18
CA PRO A 287 8.76 5.31 24.66
C PRO A 287 8.60 6.63 23.89
N LYS A 288 9.43 7.63 24.21
CA LYS A 288 9.37 8.96 23.55
C LYS A 288 9.83 8.80 22.10
N LEU A 289 8.87 8.83 21.17
CA LEU A 289 9.12 8.69 19.71
C LEU A 289 9.47 10.08 19.16
N ARG A 290 10.24 10.15 18.06
CA ARG A 290 10.55 11.42 17.35
C ARG A 290 9.24 11.98 16.77
N PHE A 291 8.42 11.13 16.16
CA PHE A 291 7.10 11.49 15.57
C PHE A 291 6.22 10.24 15.44
N ILE A 292 4.92 10.46 15.32
CA ILE A 292 3.89 9.45 14.91
C ILE A 292 3.31 9.92 13.59
N ARG A 293 3.08 9.00 12.65
CA ARG A 293 2.70 9.31 11.25
C ARG A 293 1.30 8.77 10.97
N SER A 294 0.49 9.54 10.23
CA SER A 294 -0.86 9.17 9.72
C SER A 294 -0.93 9.48 8.22
N CYS A 295 -1.57 8.60 7.45
CA CYS A 295 -1.64 8.69 5.96
C CYS A 295 -2.85 7.91 5.45
N SER A 296 -3.13 7.98 4.14
CA SER A 296 -4.03 7.07 3.37
C SER A 296 -5.50 7.48 3.51
N ALA A 297 -5.90 8.02 4.66
CA ALA A 297 -7.27 8.50 4.95
C ALA A 297 -7.19 9.70 5.90
N SER A 298 -8.09 10.67 5.76
CA SER A 298 -8.07 11.93 6.55
C SER A 298 -8.15 11.60 8.04
N LEU A 299 -7.19 12.12 8.82
CA LEU A 299 -7.13 12.00 10.30
C LEU A 299 -7.96 13.11 10.92
N ALA A 300 -8.96 12.76 11.73
CA ALA A 300 -9.81 13.71 12.48
C ALA A 300 -8.92 14.49 13.45
N PRO A 301 -9.02 15.85 13.52
CA PRO A 301 -8.23 16.63 14.46
C PRO A 301 -8.33 16.15 15.92
N VAL A 302 -9.50 15.65 16.33
CA VAL A 302 -9.74 15.08 17.69
C VAL A 302 -8.76 13.92 17.92
N ILE A 303 -8.65 13.00 16.95
CA ILE A 303 -7.76 11.80 17.01
C ILE A 303 -6.30 12.29 17.14
N LEU A 304 -5.87 13.20 16.26
CA LEU A 304 -4.53 13.82 16.27
C LEU A 304 -4.25 14.37 17.68
N GLY A 305 -5.18 15.14 18.23
CA GLY A 305 -5.11 15.71 19.59
C GLY A 305 -4.93 14.64 20.65
N ARG A 306 -5.76 13.60 20.62
CA ARG A 306 -5.73 12.48 21.60
C ARG A 306 -4.40 11.73 21.52
N LEU A 307 -3.98 11.36 20.31
CA LEU A 307 -2.70 10.65 20.04
C LEU A 307 -1.55 11.42 20.71
N GLU A 308 -1.44 12.72 20.43
CA GLU A 308 -0.35 13.59 20.95
C GLU A 308 -0.41 13.67 22.48
N GLU A 309 -1.60 13.92 23.03
CA GLU A 309 -1.83 14.04 24.50
C GLU A 309 -1.51 12.69 25.17
N SER A 310 -1.89 11.56 24.55
CA SER A 310 -1.76 10.20 25.12
C SER A 310 -0.29 9.77 25.15
N PHE A 311 0.43 9.90 24.02
CA PHE A 311 1.75 9.27 23.78
C PHE A 311 2.89 10.29 23.79
N GLY A 312 2.57 11.60 23.76
CA GLY A 312 3.56 12.69 23.88
C GLY A 312 4.50 12.79 22.70
N ALA A 313 4.10 12.27 21.54
CA ALA A 313 4.86 12.35 20.26
C ALA A 313 4.09 13.24 19.29
N PRO A 314 4.77 14.05 18.45
CA PRO A 314 4.10 14.86 17.45
C PRO A 314 3.52 13.99 16.33
N VAL A 315 2.23 14.14 16.05
CA VAL A 315 1.50 13.38 14.98
C VAL A 315 1.57 14.19 13.69
N LEU A 316 2.20 13.62 12.64
CA LEU A 316 2.41 14.28 11.33
C LEU A 316 1.57 13.55 10.26
N GLU A 317 0.51 14.20 9.78
CA GLU A 317 -0.38 13.67 8.71
C GLU A 317 0.28 13.93 7.34
N ALA A 318 0.30 12.90 6.49
CA ALA A 318 0.90 12.94 5.14
C ALA A 318 -0.14 12.52 4.08
N TYR A 319 0.21 12.71 2.81
CA TYR A 319 -0.65 12.47 1.62
C TYR A 319 0.18 11.72 0.58
N ALA A 320 -0.24 10.49 0.26
CA ALA A 320 0.51 9.54 -0.59
C ALA A 320 -0.46 8.82 -1.54
N MET A 321 0.07 8.32 -2.65
CA MET A 321 -0.67 7.43 -3.58
C MET A 321 0.32 6.57 -4.37
N THR A 322 -0.17 5.47 -4.95
CA THR A 322 0.62 4.40 -5.60
C THR A 322 1.38 4.98 -6.80
N GLU A 323 0.70 5.77 -7.64
CA GLU A 323 1.28 6.38 -8.88
C GLU A 323 2.45 7.30 -8.52
N ALA A 324 2.46 7.86 -7.30
CA ALA A 324 3.51 8.78 -6.79
C ALA A 324 4.58 7.99 -6.02
N SER A 325 4.57 6.65 -6.09
CA SER A 325 5.44 5.75 -5.29
C SER A 325 5.34 6.14 -3.81
N HIS A 326 4.10 6.35 -3.34
CA HIS A 326 3.73 6.78 -1.97
C HIS A 326 3.81 8.31 -1.84
N LEU A 327 4.81 8.83 -1.12
CA LEU A 327 4.78 10.19 -0.52
C LEU A 327 4.65 11.25 -1.62
N MET A 328 3.71 12.19 -1.42
CA MET A 328 3.56 13.43 -2.23
C MET A 328 3.82 14.65 -1.34
N SER A 329 3.08 14.76 -0.23
CA SER A 329 3.23 15.84 0.78
C SER A 329 3.17 15.25 2.20
N SER A 330 3.69 16.00 3.17
CA SER A 330 3.72 15.66 4.60
C SER A 330 3.87 16.94 5.43
N ASN A 331 3.22 16.98 6.59
CA ASN A 331 3.56 17.95 7.66
C ASN A 331 5.02 17.68 8.04
N PRO A 332 5.84 18.72 8.28
CA PRO A 332 7.26 18.53 8.56
C PRO A 332 7.50 18.11 10.01
N LEU A 333 8.77 17.88 10.38
CA LEU A 333 9.19 17.72 11.80
C LEU A 333 9.00 19.05 12.51
N PRO A 334 8.53 19.06 13.78
CA PRO A 334 8.39 20.30 14.55
C PRO A 334 9.62 21.23 14.50
N GLN A 335 10.83 20.66 14.43
CA GLN A 335 12.11 21.43 14.36
C GLN A 335 12.20 22.20 13.04
N ASN A 336 11.50 21.76 12.00
CA ASN A 336 11.59 22.31 10.62
C ASN A 336 10.35 23.15 10.26
N GLY A 337 9.26 23.05 11.02
CA GLY A 337 8.04 23.83 10.75
C GLY A 337 6.83 23.29 11.52
N PRO A 338 5.68 24.01 11.49
CA PRO A 338 4.48 23.58 12.20
C PRO A 338 3.73 22.50 11.41
N HIS A 339 2.98 21.65 12.12
CA HIS A 339 2.01 20.69 11.53
C HIS A 339 0.60 21.17 11.87
N LYS A 340 -0.28 21.19 10.86
CA LYS A 340 -1.67 21.73 10.97
C LYS A 340 -2.66 20.57 10.86
N ALA A 341 -3.54 20.42 11.85
CA ALA A 341 -4.65 19.45 11.86
C ALA A 341 -5.54 19.73 10.64
N GLY A 342 -5.98 18.67 9.95
CA GLY A 342 -6.85 18.76 8.76
C GLY A 342 -6.07 19.13 7.51
N SER A 343 -4.73 19.13 7.59
CA SER A 343 -3.79 19.44 6.48
C SER A 343 -2.82 18.26 6.32
N VAL A 344 -2.33 18.06 5.09
CA VAL A 344 -1.36 16.97 4.73
C VAL A 344 0.01 17.58 4.42
N GLY A 345 0.22 18.84 4.81
CA GLY A 345 1.55 19.50 4.82
C GLY A 345 1.97 19.98 3.45
N LYS A 346 3.29 20.06 3.23
CA LYS A 346 3.92 20.66 2.02
C LYS A 346 4.52 19.56 1.13
N PRO A 347 4.62 19.79 -0.20
CA PRO A 347 5.27 18.82 -1.10
C PRO A 347 6.69 18.47 -0.63
N VAL A 348 7.15 17.27 -0.98
CA VAL A 348 8.51 16.75 -0.60
C VAL A 348 9.20 16.20 -1.86
N GLY A 349 10.21 16.91 -2.35
CA GLY A 349 11.08 16.52 -3.47
C GLY A 349 10.32 16.34 -4.77
N GLN A 350 9.25 17.11 -4.96
CA GLN A 350 8.41 17.07 -6.18
C GLN A 350 7.59 18.37 -6.28
N GLU A 351 7.24 18.77 -7.51
CA GLU A 351 6.34 19.92 -7.77
C GLU A 351 4.90 19.48 -7.52
N MET A 352 4.07 20.37 -6.97
CA MET A 352 2.63 20.15 -6.73
C MET A 352 1.87 21.45 -7.06
N ALA A 353 0.84 21.36 -7.89
CA ALA A 353 0.01 22.50 -8.36
C ALA A 353 -1.47 22.16 -8.21
N ILE A 354 -2.30 23.17 -7.96
CA ILE A 354 -3.78 23.09 -8.01
C ILE A 354 -4.22 23.60 -9.39
N LEU A 355 -4.81 22.72 -10.21
CA LEU A 355 -5.19 22.98 -11.62
C LEU A 355 -6.71 22.93 -11.78
N ASP A 356 -7.29 23.87 -12.52
CA ASP A 356 -8.71 23.83 -12.96
C ASP A 356 -8.79 22.92 -14.19
N GLU A 357 -10.00 22.65 -14.68
CA GLU A 357 -10.29 21.71 -15.79
C GLU A 357 -9.46 22.08 -17.05
N SER A 358 -9.12 23.37 -17.21
CA SER A 358 -8.38 23.93 -18.38
C SER A 358 -6.86 23.87 -18.16
N GLY A 359 -6.41 23.58 -16.94
CA GLY A 359 -4.98 23.47 -16.60
C GLY A 359 -4.39 24.78 -16.10
N ARG A 360 -5.24 25.72 -15.67
CA ARG A 360 -4.80 27.00 -15.05
C ARG A 360 -4.39 26.73 -13.60
N VAL A 361 -3.19 27.16 -13.21
CA VAL A 361 -2.67 27.05 -11.81
C VAL A 361 -3.47 28.01 -10.93
N LEU A 362 -4.37 27.50 -10.09
CA LEU A 362 -5.24 28.32 -9.22
C LEU A 362 -4.43 28.92 -8.08
N GLU A 363 -4.86 30.07 -7.57
CA GLU A 363 -4.20 30.82 -6.46
C GLU A 363 -4.59 30.14 -5.14
N ALA A 364 -3.85 30.41 -4.06
CA ALA A 364 -4.05 29.85 -2.71
C ALA A 364 -5.52 30.05 -2.28
N GLY A 365 -6.09 29.05 -1.60
CA GLY A 365 -7.45 29.10 -1.03
C GLY A 365 -8.52 28.60 -1.99
N VAL A 366 -8.18 28.41 -3.27
CA VAL A 366 -9.14 28.01 -4.34
C VAL A 366 -9.04 26.49 -4.56
N ASN A 367 -10.18 25.80 -4.50
CA ASN A 367 -10.28 24.32 -4.72
C ASN A 367 -10.06 24.01 -6.20
N GLY A 368 -9.11 23.11 -6.49
CA GLY A 368 -8.90 22.51 -7.82
C GLY A 368 -8.33 21.11 -7.67
N GLU A 369 -7.99 20.45 -8.79
CA GLU A 369 -7.38 19.10 -8.76
C GLU A 369 -5.92 19.22 -8.33
N VAL A 370 -5.54 18.47 -7.28
CA VAL A 370 -4.13 18.35 -6.84
C VAL A 370 -3.39 17.55 -7.91
N CYS A 371 -2.43 18.17 -8.60
CA CYS A 371 -1.58 17.53 -9.63
C CYS A 371 -0.12 17.61 -9.20
N ILE A 372 0.67 16.59 -9.53
CA ILE A 372 2.08 16.44 -9.09
C ILE A 372 2.98 16.23 -10.30
N ARG A 373 4.26 16.56 -10.15
CA ARG A 373 5.36 16.21 -11.08
C ARG A 373 6.64 16.02 -10.27
N GLY A 374 7.34 14.91 -10.47
CA GLY A 374 8.58 14.56 -9.74
C GLY A 374 9.13 13.22 -10.17
N GLU A 375 10.33 12.88 -9.68
CA GLU A 375 11.09 11.65 -10.06
C GLU A 375 10.42 10.41 -9.46
N ASN A 376 9.51 10.58 -8.51
CA ASN A 376 8.81 9.48 -7.79
C ASN A 376 7.55 9.03 -8.56
N VAL A 377 7.14 9.78 -9.59
CA VAL A 377 5.86 9.56 -10.34
C VAL A 377 6.09 8.53 -11.44
N THR A 378 5.19 7.55 -11.55
CA THR A 378 5.19 6.49 -12.60
C THR A 378 5.29 7.12 -13.99
N LYS A 379 6.05 6.49 -14.91
CA LYS A 379 6.16 6.91 -16.33
C LYS A 379 4.76 6.94 -16.97
N GLY A 380 3.87 6.07 -16.52
CA GLY A 380 2.46 6.00 -16.97
C GLY A 380 1.87 4.62 -16.72
N TYR A 381 0.54 4.50 -16.82
CA TYR A 381 -0.22 3.23 -16.66
C TYR A 381 0.16 2.26 -17.79
N LYS A 382 0.33 0.99 -17.45
CA LYS A 382 0.82 -0.08 -18.37
C LYS A 382 -0.19 -0.29 -19.51
N ASN A 383 0.27 -0.13 -20.76
CA ASN A 383 -0.50 -0.43 -22.00
C ASN A 383 -1.91 0.16 -21.87
N ASN A 384 -2.00 1.48 -21.65
CA ASN A 384 -3.27 2.21 -21.38
C ASN A 384 -3.08 3.68 -21.72
N GLU A 385 -3.01 4.00 -23.01
CA GLU A 385 -2.82 5.39 -23.53
C GLU A 385 -4.04 6.23 -23.16
N ALA A 386 -5.25 5.65 -23.21
CA ALA A 386 -6.53 6.31 -22.83
C ALA A 386 -6.40 6.92 -21.43
N ALA A 387 -6.03 6.11 -20.44
CA ALA A 387 -5.88 6.49 -19.01
C ALA A 387 -4.77 7.53 -18.87
N ASN A 388 -3.64 7.34 -19.54
CA ASN A 388 -2.45 8.23 -19.48
C ASN A 388 -2.78 9.60 -20.08
N THR A 389 -3.62 9.65 -21.13
CA THR A 389 -4.00 10.91 -21.81
C THR A 389 -4.65 11.87 -20.79
N ALA A 390 -5.63 11.38 -20.03
CA ALA A 390 -6.39 12.16 -19.02
C ALA A 390 -5.50 12.42 -17.79
N ALA A 391 -4.73 11.42 -17.37
CA ALA A 391 -3.95 11.42 -16.11
C ALA A 391 -2.76 12.38 -16.19
N PHE A 392 -2.24 12.64 -17.40
CA PHE A 392 -1.02 13.46 -17.63
C PHE A 392 -1.34 14.71 -18.46
N LEU A 393 -2.57 15.21 -18.36
CA LEU A 393 -3.01 16.44 -19.09
C LEU A 393 -2.18 17.64 -18.62
N PHE A 394 -1.69 18.45 -19.57
CA PHE A 394 -0.92 19.70 -19.34
C PHE A 394 0.44 19.39 -18.71
N GLY A 395 0.94 18.16 -18.85
CA GLY A 395 2.28 17.73 -18.40
C GLY A 395 2.39 17.57 -16.89
N TRP A 396 1.27 17.44 -16.18
CA TRP A 396 1.19 17.14 -14.73
C TRP A 396 0.40 15.83 -14.54
N PHE A 397 0.70 15.06 -13.49
CA PHE A 397 -0.10 13.86 -13.11
C PHE A 397 -1.27 14.31 -12.23
N HIS A 398 -2.49 13.95 -12.65
CA HIS A 398 -3.78 14.31 -12.01
C HIS A 398 -4.13 13.23 -10.97
N THR A 399 -4.14 13.59 -9.69
CA THR A 399 -4.31 12.67 -8.54
C THR A 399 -5.74 12.13 -8.48
N GLY A 400 -6.71 12.95 -8.93
CA GLY A 400 -8.16 12.67 -8.79
C GLY A 400 -8.71 13.22 -7.48
N ASP A 401 -7.87 13.93 -6.70
CA ASP A 401 -8.24 14.56 -5.41
C ASP A 401 -8.48 16.05 -5.63
N ILE A 402 -9.48 16.62 -4.93
CA ILE A 402 -9.76 18.08 -4.89
C ILE A 402 -9.17 18.63 -3.59
N GLY A 403 -8.39 19.71 -3.68
CA GLY A 403 -7.73 20.33 -2.52
C GLY A 403 -7.34 21.77 -2.80
N TYR A 404 -6.70 22.42 -1.83
CA TYR A 404 -6.22 23.82 -1.92
C TYR A 404 -4.97 24.00 -1.05
N PHE A 405 -4.22 25.07 -1.31
CA PHE A 405 -3.05 25.53 -0.50
C PHE A 405 -3.47 26.75 0.34
N ASP A 406 -3.07 26.78 1.60
CA ASP A 406 -3.20 27.98 2.48
C ASP A 406 -2.00 28.89 2.23
N SER A 407 -1.92 30.03 2.94
CA SER A 407 -0.87 31.08 2.77
C SER A 407 0.54 30.49 2.92
N ASP A 408 0.69 29.43 3.72
CA ASP A 408 2.01 28.81 4.06
C ASP A 408 2.33 27.69 3.07
N GLY A 409 1.44 27.39 2.12
CA GLY A 409 1.62 26.36 1.09
C GLY A 409 1.35 24.95 1.62
N TYR A 410 0.50 24.82 2.65
CA TYR A 410 0.04 23.54 3.24
C TYR A 410 -1.21 23.06 2.50
N LEU A 411 -1.20 21.83 1.97
CA LEU A 411 -2.32 21.23 1.20
C LEU A 411 -3.44 20.82 2.16
N HIS A 412 -4.69 21.10 1.77
CA HIS A 412 -5.93 20.59 2.42
C HIS A 412 -6.74 19.79 1.39
N LEU A 413 -7.01 18.51 1.65
CA LEU A 413 -7.87 17.64 0.81
C LEU A 413 -9.32 17.84 1.22
N VAL A 414 -10.18 18.26 0.28
CA VAL A 414 -11.59 18.69 0.56
C VAL A 414 -12.61 17.86 -0.25
N GLY A 415 -12.15 16.98 -1.16
CA GLY A 415 -13.04 16.17 -2.02
C GLY A 415 -12.28 15.28 -2.99
N ARG A 416 -12.99 14.68 -3.95
CA ARG A 416 -12.43 13.74 -4.96
C ARG A 416 -13.18 13.88 -6.28
N ILE A 417 -12.44 13.96 -7.39
CA ILE A 417 -12.98 13.95 -8.78
C ILE A 417 -13.19 12.49 -9.20
N LYS A 418 -12.23 11.61 -8.89
CA LYS A 418 -12.32 10.15 -9.12
C LYS A 418 -13.38 9.55 -8.18
N GLU A 419 -13.96 8.41 -8.58
CA GLU A 419 -14.98 7.65 -7.81
C GLU A 419 -14.26 6.60 -6.95
N LEU A 420 -14.07 6.90 -5.66
CA LEU A 420 -13.46 5.98 -4.65
C LEU A 420 -14.36 5.95 -3.42
N ILE A 421 -14.35 4.83 -2.70
CA ILE A 421 -14.86 4.71 -1.30
C ILE A 421 -13.66 4.30 -0.43
N ASN A 422 -13.11 5.26 0.32
CA ASN A 422 -11.94 5.05 1.21
C ASN A 422 -12.43 4.46 2.53
N ARG A 423 -12.36 3.13 2.66
CA ARG A 423 -12.84 2.38 3.86
C ARG A 423 -11.64 2.10 4.79
N GLY A 424 -11.35 3.05 5.68
CA GLY A 424 -10.27 2.96 6.68
C GLY A 424 -8.89 2.89 6.04
N GLY A 425 -8.73 3.46 4.84
CA GLY A 425 -7.46 3.46 4.08
C GLY A 425 -7.50 2.55 2.88
N GLU A 426 -8.36 1.52 2.88
CA GLU A 426 -8.52 0.57 1.75
C GLU A 426 -9.44 1.19 0.69
N LYS A 427 -9.07 1.07 -0.59
CA LYS A 427 -9.76 1.71 -1.73
C LYS A 427 -10.72 0.71 -2.37
N ILE A 428 -11.99 1.11 -2.52
CA ILE A 428 -13.09 0.33 -3.14
C ILE A 428 -13.63 1.14 -4.32
N SER A 429 -13.44 0.63 -5.54
CA SER A 429 -14.02 1.20 -6.79
C SER A 429 -15.51 0.88 -6.84
N PRO A 430 -16.41 1.89 -6.79
CA PRO A 430 -17.85 1.66 -6.98
C PRO A 430 -18.13 1.10 -8.38
N ILE A 431 -17.29 1.46 -9.36
CA ILE A 431 -17.40 1.05 -10.80
C ILE A 431 -17.08 -0.44 -10.92
N GLU A 432 -16.04 -0.93 -10.25
CA GLU A 432 -15.63 -2.36 -10.25
C GLU A 432 -16.73 -3.21 -9.59
N VAL A 433 -17.29 -2.73 -8.47
CA VAL A 433 -18.35 -3.43 -7.68
C VAL A 433 -19.66 -3.39 -8.48
N ASP A 434 -19.96 -2.28 -9.15
CA ASP A 434 -21.11 -2.15 -10.09
C ASP A 434 -21.04 -3.27 -11.13
N ALA A 435 -19.88 -3.46 -11.76
CA ALA A 435 -19.64 -4.49 -12.79
C ALA A 435 -19.99 -5.87 -12.25
N VAL A 436 -19.61 -6.18 -11.00
CA VAL A 436 -19.90 -7.47 -10.32
C VAL A 436 -21.41 -7.62 -10.15
N LEU A 437 -22.07 -6.61 -9.56
CA LEU A 437 -23.53 -6.62 -9.26
C LEU A 437 -24.34 -6.77 -10.55
N LEU A 438 -24.03 -5.95 -11.57
CA LEU A 438 -24.71 -5.96 -12.89
C LEU A 438 -24.55 -7.32 -13.57
N SER A 439 -23.42 -7.99 -13.35
CA SER A 439 -23.09 -9.31 -13.95
C SER A 439 -24.06 -10.38 -13.45
N HIS A 440 -24.65 -10.20 -12.25
CA HIS A 440 -25.63 -11.14 -11.66
C HIS A 440 -26.85 -11.23 -12.58
N PRO A 441 -27.29 -12.45 -12.97
CA PRO A 441 -28.36 -12.62 -13.95
C PRO A 441 -29.73 -12.04 -13.52
N ASP A 442 -29.99 -11.94 -12.21
CA ASP A 442 -31.28 -11.47 -11.65
C ASP A 442 -31.23 -9.95 -11.39
N VAL A 443 -30.06 -9.32 -11.56
CA VAL A 443 -29.88 -7.85 -11.34
C VAL A 443 -29.96 -7.15 -12.70
N ALA A 444 -30.85 -6.16 -12.83
CA ALA A 444 -31.06 -5.34 -14.06
C ALA A 444 -30.18 -4.09 -14.00
N GLN A 445 -30.33 -3.29 -12.93
CA GLN A 445 -29.51 -2.09 -12.64
C GLN A 445 -28.93 -2.23 -11.23
N ALA A 446 -27.80 -1.57 -10.95
CA ALA A 446 -27.09 -1.58 -9.65
C ALA A 446 -26.22 -0.32 -9.51
N VAL A 447 -26.21 0.29 -8.33
CA VAL A 447 -25.34 1.45 -7.99
C VAL A 447 -24.75 1.24 -6.58
N ALA A 448 -23.47 0.85 -6.52
CA ALA A 448 -22.65 0.86 -5.28
C ALA A 448 -22.31 2.31 -4.95
N PHE A 449 -22.52 2.72 -3.69
CA PHE A 449 -22.33 4.12 -3.23
C PHE A 449 -21.64 4.14 -1.86
N GLY A 450 -21.02 5.27 -1.53
CA GLY A 450 -20.32 5.51 -0.26
C GLY A 450 -21.18 6.28 0.72
N ILE A 451 -21.05 5.98 2.01
CA ILE A 451 -21.73 6.70 3.13
C ILE A 451 -20.70 6.96 4.23
N PRO A 452 -20.90 7.99 5.08
CA PRO A 452 -20.05 8.19 6.25
C PRO A 452 -20.19 7.04 7.26
N ASP A 453 -19.07 6.62 7.85
CA ASP A 453 -18.98 5.56 8.88
C ASP A 453 -18.04 6.04 10.00
N GLN A 454 -18.48 5.98 11.25
CA GLN A 454 -17.74 6.50 12.44
C GLN A 454 -16.34 5.88 12.49
N LYS A 455 -16.21 4.59 12.21
CA LYS A 455 -14.95 3.81 12.35
C LYS A 455 -14.08 3.96 11.10
N TYR A 456 -14.59 3.57 9.93
CA TYR A 456 -13.83 3.41 8.66
C TYR A 456 -13.84 4.71 7.83
N GLY A 457 -14.47 5.78 8.33
CA GLY A 457 -14.58 7.08 7.63
C GLY A 457 -15.67 7.05 6.56
N GLU A 458 -15.51 6.15 5.57
CA GLU A 458 -16.53 5.85 4.53
C GLU A 458 -16.82 4.35 4.54
N GLU A 459 -18.01 3.95 4.10
CA GLU A 459 -18.43 2.54 3.97
C GLU A 459 -19.21 2.38 2.65
N ILE A 460 -19.16 1.18 2.06
CA ILE A 460 -19.85 0.85 0.77
C ILE A 460 -21.17 0.15 1.08
N HIS A 461 -22.28 0.74 0.61
CA HIS A 461 -23.59 0.08 0.40
C HIS A 461 -23.87 0.04 -1.10
N CYS A 462 -24.98 -0.59 -1.51
CA CYS A 462 -25.44 -0.62 -2.93
C CYS A 462 -26.97 -0.61 -2.96
N ALA A 463 -27.53 -0.10 -4.07
CA ALA A 463 -28.97 -0.15 -4.39
C ALA A 463 -29.14 -0.91 -5.72
N ILE A 464 -30.13 -1.81 -5.78
CA ILE A 464 -30.35 -2.73 -6.93
C ILE A 464 -31.81 -2.66 -7.37
N ILE A 465 -32.03 -2.62 -8.69
CA ILE A 465 -33.34 -2.86 -9.35
C ILE A 465 -33.27 -4.25 -10.00
N PRO A 466 -33.97 -5.26 -9.45
CA PRO A 466 -33.87 -6.63 -9.97
C PRO A 466 -34.66 -6.84 -11.26
N ARG A 467 -34.28 -7.84 -12.06
CA ARG A 467 -34.98 -8.26 -13.31
C ARG A 467 -36.46 -8.52 -12.99
N GLU A 468 -37.38 -7.75 -13.59
CA GLU A 468 -38.84 -7.82 -13.35
C GLU A 468 -39.28 -9.29 -13.35
N GLY A 469 -39.90 -9.76 -12.25
CA GLY A 469 -40.42 -11.12 -12.10
C GLY A 469 -39.59 -11.97 -11.15
N SER A 470 -38.31 -11.63 -10.95
CA SER A 470 -37.36 -12.32 -10.04
C SER A 470 -37.63 -11.90 -8.59
N ASN A 471 -37.33 -12.80 -7.63
CA ASN A 471 -37.55 -12.59 -6.17
C ASN A 471 -36.21 -12.69 -5.44
N ILE A 472 -35.24 -11.88 -5.86
CA ILE A 472 -33.87 -11.80 -5.27
C ILE A 472 -33.95 -11.09 -3.90
N ASP A 473 -33.09 -11.50 -2.95
CA ASP A 473 -32.96 -10.90 -1.60
C ASP A 473 -31.52 -10.42 -1.41
N ALA A 474 -31.27 -9.67 -0.33
CA ALA A 474 -29.94 -9.13 0.05
C ALA A 474 -28.93 -10.27 0.24
N GLU A 475 -29.38 -11.38 0.87
CA GLU A 475 -28.52 -12.55 1.21
C GLU A 475 -27.94 -13.18 -0.06
N GLU A 476 -28.73 -13.25 -1.14
CA GLU A 476 -28.28 -13.78 -2.45
C GLU A 476 -27.19 -12.85 -3.01
N VAL A 477 -27.47 -11.55 -3.04
CA VAL A 477 -26.58 -10.49 -3.61
C VAL A 477 -25.25 -10.49 -2.84
N LEU A 478 -25.30 -10.61 -1.51
CA LEU A 478 -24.10 -10.59 -0.63
C LEU A 478 -23.25 -11.84 -0.90
N THR A 479 -23.84 -13.04 -0.81
CA THR A 479 -23.18 -14.34 -1.02
C THR A 479 -22.42 -14.33 -2.36
N PHE A 480 -23.07 -13.85 -3.42
CA PHE A 480 -22.52 -13.77 -4.80
C PHE A 480 -21.31 -12.82 -4.83
N CYS A 481 -21.45 -11.63 -4.23
CA CYS A 481 -20.38 -10.59 -4.17
C CYS A 481 -19.14 -11.16 -3.47
N LYS A 482 -19.34 -11.97 -2.42
CA LYS A 482 -18.27 -12.53 -1.56
C LYS A 482 -17.44 -13.55 -2.34
N LYS A 483 -18.03 -14.21 -3.35
CA LYS A 483 -17.32 -15.14 -4.27
C LYS A 483 -16.41 -14.35 -5.23
N ASN A 484 -16.79 -13.10 -5.56
CA ASN A 484 -16.19 -12.29 -6.65
C ASN A 484 -15.35 -11.12 -6.10
N LEU A 485 -15.60 -10.67 -4.87
CA LEU A 485 -14.94 -9.48 -4.25
C LEU A 485 -14.36 -9.84 -2.87
N ALA A 486 -13.31 -9.13 -2.46
CA ALA A 486 -12.71 -9.21 -1.10
C ALA A 486 -13.70 -8.61 -0.10
N SER A 487 -13.78 -9.18 1.11
CA SER A 487 -14.83 -8.87 2.12
C SER A 487 -14.96 -7.35 2.31
N PHE A 488 -13.85 -6.60 2.34
CA PHE A 488 -13.83 -5.14 2.59
C PHE A 488 -14.55 -4.40 1.45
N LYS A 489 -14.48 -4.92 0.23
CA LYS A 489 -15.10 -4.32 -0.99
C LYS A 489 -16.61 -4.60 -1.00
N VAL A 490 -17.05 -5.71 -0.43
CA VAL A 490 -18.47 -6.19 -0.51
C VAL A 490 -19.37 -5.16 0.16
N PRO A 491 -20.43 -4.67 -0.51
CA PRO A 491 -21.45 -3.83 0.13
C PRO A 491 -22.01 -4.48 1.41
N LYS A 492 -22.19 -3.69 2.46
CA LYS A 492 -22.62 -4.16 3.81
C LYS A 492 -24.16 -4.19 3.88
N LYS A 493 -24.83 -3.34 3.09
CA LYS A 493 -26.31 -3.29 2.97
C LYS A 493 -26.69 -3.22 1.49
N VAL A 494 -27.82 -3.84 1.13
CA VAL A 494 -28.38 -3.91 -0.25
C VAL A 494 -29.82 -3.39 -0.22
N PHE A 495 -30.03 -2.16 -0.67
CA PHE A 495 -31.37 -1.50 -0.76
C PHE A 495 -32.00 -1.86 -2.11
N ILE A 496 -32.87 -2.87 -2.13
CA ILE A 496 -33.66 -3.28 -3.34
C ILE A 496 -34.80 -2.28 -3.51
N THR A 497 -34.86 -1.61 -4.67
CA THR A 497 -35.81 -0.49 -4.97
C THR A 497 -36.48 -0.72 -6.33
N ASP A 498 -37.46 0.13 -6.66
CA ASP A 498 -38.26 0.08 -7.91
C ASP A 498 -37.57 0.89 -9.01
N SER A 499 -37.04 2.08 -8.68
CA SER A 499 -36.47 3.06 -9.64
C SER A 499 -35.18 3.68 -9.09
N LEU A 500 -34.27 4.03 -10.00
CA LEU A 500 -33.03 4.82 -9.74
C LEU A 500 -33.04 6.05 -10.63
N PRO A 501 -32.44 7.19 -10.20
CA PRO A 501 -32.60 8.46 -10.91
C PRO A 501 -31.89 8.53 -12.28
N ARG A 510 -23.00 7.09 -6.64
CA ARG A 510 -23.79 8.34 -6.89
C ARG A 510 -24.07 9.06 -5.57
N ARG A 511 -24.18 10.40 -5.64
CA ARG A 511 -24.42 11.28 -4.46
C ARG A 511 -25.92 11.27 -4.11
N LEU A 512 -26.80 11.15 -5.12
CA LEU A 512 -28.27 11.26 -4.96
C LEU A 512 -28.81 10.03 -4.23
N VAL A 513 -28.31 8.84 -4.55
CA VAL A 513 -28.73 7.54 -3.93
C VAL A 513 -28.28 7.55 -2.46
N ALA A 514 -27.02 7.92 -2.22
CA ALA A 514 -26.41 8.07 -0.87
C ALA A 514 -27.24 9.07 -0.04
N GLU A 515 -27.65 10.19 -0.66
CA GLU A 515 -28.50 11.23 -0.03
C GLU A 515 -29.86 10.62 0.36
N HIS A 516 -30.34 9.62 -0.38
CA HIS A 516 -31.68 8.98 -0.19
C HIS A 516 -31.63 7.96 0.96
N PHE A 517 -30.84 6.90 0.84
CA PHE A 517 -30.88 5.69 1.70
C PHE A 517 -30.01 5.84 2.95
N VAL A 518 -29.34 6.98 3.15
CA VAL A 518 -28.51 7.26 4.37
C VAL A 518 -29.44 7.36 5.58
N SER A 519 -28.99 6.89 6.75
CA SER A 519 -29.74 6.86 8.03
C SER A 519 -29.36 8.07 8.89
N LYS A 520 -30.25 8.46 9.81
CA LYS A 520 -30.04 9.56 10.81
C LYS A 520 -29.98 8.95 12.21
P AMP B . -3.54 4.71 -2.71
O1P AMP B . -2.57 5.08 -1.59
O2P AMP B . -2.90 4.83 -4.09
O3P AMP B . -4.23 3.39 -2.48
O5' AMP B . -4.69 5.84 -2.68
C5' AMP B . -4.28 7.23 -2.72
C4' AMP B . -5.45 8.11 -2.34
O4' AMP B . -5.66 8.06 -0.91
C3' AMP B . -5.29 9.60 -2.61
O3' AMP B . -5.51 9.92 -3.97
C2' AMP B . -6.38 10.18 -1.70
O2' AMP B . -7.64 10.08 -2.30
C1' AMP B . -6.29 9.25 -0.48
N9 AMP B . -5.53 9.81 0.63
C8 AMP B . -4.18 9.66 0.88
N7 AMP B . -3.79 10.27 1.97
C5 AMP B . -4.94 10.86 2.46
C6 AMP B . -5.18 11.66 3.61
N6 AMP B . -4.23 11.99 4.47
N1 AMP B . -6.45 12.08 3.80
C2 AMP B . -7.39 11.74 2.93
N3 AMP B . -7.29 11.00 1.83
C4 AMP B . -6.02 10.59 1.65
#